data_2HKF
#
_entry.id   2HKF
#
_cell.length_a   40.388
_cell.length_b   43.145
_cell.length_c   58.023
_cell.angle_alpha   85.03
_cell.angle_beta   88.47
_cell.angle_gamma   85.67
#
_symmetry.space_group_name_H-M   'P 1'
#
loop_
_entity.id
_entity.type
_entity.pdbx_description
1 polymer 'Immunoglobulin Light chain Fab fragment'
2 polymer 'Immunoglobulin Heavy chain Fab fragment'
3 polymer 'Carbonic anhydrase 9'
4 water water
#
loop_
_entity_poly.entity_id
_entity_poly.type
_entity_poly.pdbx_seq_one_letter_code
_entity_poly.pdbx_strand_id
1 'polypeptide(L)'
;DVVMTQTPLSLPVSLGDQASISCRSSQSLVHSNGNTYLHWYLQKPGQSPNLLIYKVSNRFSGVPDRFSGSGSGTDFTLKI
SRVEAEDLGVYFCSQSTHVPFTFGSGTKLEIKRADAAPTVSIFPPSSEQLTSGGASVVCFLNNFYPKDINVKWKIDGSER
QNGVLNSWTDQDSKDSTYSMSSTLTLTKDEYERHNSYTCEATHKTSTSPIVKSFNRNEC
;
L
2 'polypeptide(L)'
;EVQVVESGGGLVQPKGSLKLSCVVSGSTLNNYAMNWVRQAPGKGLEWVARIRSKSNNYATYYADSVKDRFTISRDDSQSM
IYLQMNNLKTEDTAMYYCVTYGNHPFAYWGQGTLVTVSAAKTTPPSVYPLAPGCGDTTGSSVTLGCLVKGYFPESVTVTW
NSGSLSSSVHTFPALLQSGLYTMSSSVTVPSSTWPSQTVTCSVAHPASSTTVDKKLEP
;
H
3 'polypeptide(L)' LPGEEDLPG P
#
# COMPACT_ATOMS: atom_id res chain seq x y z
N ASP A 1 -19.37 -9.69 -11.52
CA ASP A 1 -18.59 -9.31 -10.32
C ASP A 1 -18.89 -10.28 -9.18
N VAL A 2 -18.22 -11.43 -9.17
CA VAL A 2 -18.29 -12.34 -8.03
C VAL A 2 -17.45 -11.73 -6.91
N VAL A 3 -18.13 -11.26 -5.87
CA VAL A 3 -17.49 -10.62 -4.72
C VAL A 3 -16.83 -11.67 -3.83
N MET A 4 -15.54 -11.47 -3.57
CA MET A 4 -14.74 -12.35 -2.72
C MET A 4 -14.51 -11.66 -1.39
N THR A 5 -15.12 -12.18 -0.32
CA THR A 5 -15.12 -11.53 1.00
C THR A 5 -14.23 -12.29 1.95
N GLN A 6 -13.12 -11.67 2.38
CA GLN A 6 -12.21 -12.33 3.31
C GLN A 6 -12.45 -11.84 4.73
N THR A 7 -12.29 -12.76 5.68
CA THR A 7 -12.50 -12.52 7.11
C THR A 7 -11.38 -13.21 7.89
N PRO A 8 -10.70 -12.50 8.82
CA PRO A 8 -10.75 -11.07 9.08
C PRO A 8 -9.88 -10.36 8.04
N LEU A 9 -9.85 -9.03 8.06
CA LEU A 9 -9.00 -8.30 7.12
C LEU A 9 -7.62 -8.07 7.74
N SER A 10 -7.57 -8.06 9.06
CA SER A 10 -6.32 -8.03 9.80
C SER A 10 -6.35 -9.18 10.80
N LEU A 11 -5.33 -10.04 10.74
CA LEU A 11 -5.22 -11.20 11.62
C LEU A 11 -3.94 -11.21 12.46
N PRO A 12 -4.03 -10.77 13.73
CA PRO A 12 -2.90 -10.87 14.65
C PRO A 12 -2.61 -12.32 15.00
N VAL A 13 -1.33 -12.69 14.95
CA VAL A 13 -0.95 -14.05 15.26
C VAL A 13 0.30 -14.07 16.15
N SER A 14 0.38 -15.06 17.02
CA SER A 14 1.61 -15.37 17.72
C SER A 14 2.36 -16.40 16.89
N LEU A 15 3.67 -16.19 16.68
CA LEU A 15 4.46 -17.17 15.91
C LEU A 15 4.38 -18.54 16.59
N GLY A 16 4.24 -19.59 15.78
CA GLY A 16 4.09 -20.95 16.32
C GLY A 16 2.64 -21.38 16.51
N ASP A 17 1.71 -20.44 16.46
CA ASP A 17 0.29 -20.78 16.57
C ASP A 17 -0.34 -21.07 15.21
N GLN A 18 -1.52 -21.70 15.22
CA GLN A 18 -2.30 -21.92 13.99
C GLN A 18 -3.03 -20.62 13.60
N ALA A 19 -3.23 -20.42 12.31
CA ALA A 19 -4.02 -19.30 11.81
C ALA A 19 -5.00 -19.83 10.76
N SER A 20 -6.21 -19.25 10.72
CA SER A 20 -7.20 -19.56 9.69
C SER A 20 -7.78 -18.28 9.11
N ILE A 21 -7.98 -18.28 7.80
CA ILE A 21 -8.53 -17.15 7.08
C ILE A 21 -9.74 -17.67 6.30
N SER A 22 -10.85 -16.95 6.39
CA SER A 22 -12.10 -17.29 5.70
C SER A 22 -12.20 -16.54 4.37
N CYS A 23 -12.64 -17.22 3.32
CA CYS A 23 -12.98 -16.53 2.09
C CYS A 23 -14.34 -17.02 1.56
N ARG A 24 -15.27 -16.09 1.39
CA ARG A 24 -16.58 -16.42 0.89
C ARG A 24 -16.89 -15.70 -0.42
N SER A 25 -17.51 -16.43 -1.33
CA SER A 25 -17.88 -15.88 -2.63
C SER A 25 -19.38 -15.51 -2.64
N SER A 26 -19.74 -14.49 -3.43
CA SER A 26 -21.17 -14.07 -3.56
C SER A 26 -22.05 -15.09 -4.31
N GLN A 27 -21.41 -15.99 -5.05
CA GLN A 27 -22.09 -17.13 -5.67
C GLN A 27 -21.15 -18.32 -5.74
N SER A 28 -21.72 -19.51 -5.98
CA SER A 28 -20.93 -20.74 -6.02
C SER A 28 -19.78 -20.67 -7.00
N LEU A 29 -18.66 -21.20 -6.59
CA LEU A 29 -17.49 -21.26 -7.46
C LEU A 29 -17.34 -22.61 -8.18
N VAL A 30 -18.34 -23.48 -8.01
CA VAL A 30 -18.36 -24.77 -8.67
C VAL A 30 -18.77 -24.55 -10.10
N HIS A 31 -17.89 -24.96 -11.00
CA HIS A 31 -18.17 -24.96 -12.43
C HIS A 31 -18.99 -26.20 -12.83
N SER A 32 -19.71 -26.11 -13.95
CA SER A 32 -20.44 -27.28 -14.55
C SER A 32 -19.54 -28.49 -14.70
N ASN A 33 -18.25 -28.26 -14.99
CA ASN A 33 -17.31 -29.37 -15.23
C ASN A 33 -16.86 -30.08 -13.94
N GLY A 34 -17.40 -29.62 -12.80
CA GLY A 34 -17.12 -30.23 -11.49
C GLY A 34 -15.97 -29.57 -10.72
N ASN A 35 -15.17 -28.76 -11.42
CA ASN A 35 -14.07 -28.04 -10.80
C ASN A 35 -14.53 -26.84 -9.98
N THR A 36 -13.72 -26.51 -8.98
CA THR A 36 -13.93 -25.30 -8.19
C THR A 36 -12.68 -24.45 -8.28
N TYR A 37 -12.72 -23.36 -9.04
CA TYR A 37 -11.49 -22.60 -9.33
C TYR A 37 -11.21 -21.49 -8.31
N LEU A 38 -10.91 -21.91 -7.10
CA LEU A 38 -10.68 -21.00 -5.97
C LEU A 38 -9.22 -21.19 -5.52
N HIS A 39 -8.47 -20.09 -5.39
CA HIS A 39 -7.02 -20.11 -5.15
C HIS A 39 -6.58 -19.11 -4.07
N TRP A 40 -5.40 -19.36 -3.48
CA TRP A 40 -4.80 -18.50 -2.44
C TRP A 40 -3.38 -18.06 -2.80
N TYR A 41 -3.11 -16.78 -2.55
CA TYR A 41 -1.83 -16.11 -2.80
C TYR A 41 -1.34 -15.46 -1.51
N LEU A 42 -0.03 -15.46 -1.33
CA LEU A 42 0.62 -14.66 -0.29
C LEU A 42 1.44 -13.54 -0.95
N GLN A 43 1.22 -12.31 -0.51
CA GLN A 43 2.06 -11.21 -0.96
C GLN A 43 2.81 -10.56 0.20
N LYS A 44 4.12 -10.68 0.16
CA LYS A 44 5.02 -10.07 1.13
C LYS A 44 5.30 -8.64 0.63
N PRO A 45 5.61 -7.71 1.55
CA PRO A 45 5.85 -6.31 1.19
C PRO A 45 6.92 -6.11 0.12
N GLY A 46 6.60 -5.31 -0.90
CA GLY A 46 7.51 -5.07 -2.02
C GLY A 46 7.82 -6.29 -2.88
N GLN A 47 6.83 -7.17 -3.05
CA GLN A 47 7.03 -8.39 -3.84
C GLN A 47 5.77 -8.71 -4.63
N SER A 48 5.94 -9.44 -5.74
CA SER A 48 4.82 -10.02 -6.45
C SER A 48 4.23 -11.12 -5.58
N PRO A 49 2.90 -11.35 -5.70
CA PRO A 49 2.21 -12.43 -5.02
C PRO A 49 2.77 -13.80 -5.39
N ASN A 50 2.73 -14.73 -4.45
CA ASN A 50 3.17 -16.09 -4.70
C ASN A 50 1.95 -17.00 -4.53
N LEU A 51 1.75 -17.91 -5.48
CA LEU A 51 0.70 -18.90 -5.39
C LEU A 51 0.99 -19.89 -4.25
N LEU A 52 -0.05 -20.19 -3.47
CA LEU A 52 0.09 -21.11 -2.36
C LEU A 52 -0.68 -22.39 -2.61
N ILE A 53 -1.96 -22.21 -2.93
CA ILE A 53 -2.97 -23.27 -3.05
C ILE A 53 -3.83 -22.94 -4.26
N TYR A 54 -4.07 -23.92 -5.13
CA TYR A 54 -4.98 -23.75 -6.30
C TYR A 54 -6.09 -24.79 -6.30
N LYS A 55 -7.21 -24.46 -6.91
CA LYS A 55 -8.38 -25.34 -6.91
C LYS A 55 -8.65 -25.90 -5.50
N VAL A 56 -8.90 -24.95 -4.58
CA VAL A 56 -9.37 -25.22 -3.20
C VAL A 56 -8.28 -25.79 -2.29
N SER A 57 -7.63 -26.89 -2.70
CA SER A 57 -6.80 -27.65 -1.76
C SER A 57 -5.49 -28.21 -2.31
N ASN A 58 -5.14 -27.84 -3.53
CA ASN A 58 -3.89 -28.34 -4.15
C ASN A 58 -2.74 -27.40 -3.84
N ARG A 59 -1.70 -27.91 -3.19
CA ARG A 59 -0.55 -27.07 -2.85
C ARG A 59 0.38 -26.96 -4.08
N PHE A 60 0.79 -25.73 -4.39
CA PHE A 60 1.70 -25.45 -5.49
C PHE A 60 3.09 -25.94 -5.13
N SER A 61 3.84 -26.36 -6.14
CA SER A 61 5.21 -26.87 -5.91
C SER A 61 6.01 -25.86 -5.10
N GLY A 62 6.75 -26.36 -4.11
CA GLY A 62 7.56 -25.50 -3.26
C GLY A 62 6.89 -24.91 -2.03
N VAL A 63 5.57 -25.06 -1.93
CA VAL A 63 4.81 -24.48 -0.78
C VAL A 63 4.82 -25.50 0.37
N PRO A 64 5.24 -25.07 1.58
CA PRO A 64 5.34 -25.95 2.75
C PRO A 64 4.00 -26.55 3.14
N ASP A 65 4.04 -27.76 3.70
CA ASP A 65 2.83 -28.49 4.02
C ASP A 65 2.03 -27.91 5.20
N ARG A 66 2.58 -26.88 5.82
CA ARG A 66 1.86 -26.17 6.89
C ARG A 66 0.68 -25.32 6.36
N PHE A 67 0.66 -25.06 5.06
CA PHE A 67 -0.45 -24.42 4.39
C PHE A 67 -1.42 -25.48 3.87
N SER A 68 -2.70 -25.33 4.19
CA SER A 68 -3.71 -26.21 3.61
C SER A 68 -4.97 -25.42 3.27
N GLY A 69 -5.59 -25.78 2.15
CA GLY A 69 -6.87 -25.17 1.76
C GLY A 69 -8.01 -26.16 1.84
N SER A 70 -9.21 -25.65 2.11
CA SER A 70 -10.42 -26.45 2.12
C SER A 70 -11.64 -25.56 1.87
N GLY A 71 -12.82 -26.19 1.82
CA GLY A 71 -14.09 -25.51 1.63
C GLY A 71 -14.82 -26.13 0.47
N SER A 72 -16.01 -25.61 0.17
CA SER A 72 -16.71 -25.98 -1.04
C SER A 72 -17.75 -24.92 -1.30
N GLY A 73 -18.20 -24.84 -2.55
CA GLY A 73 -19.28 -23.95 -2.95
C GLY A 73 -18.95 -22.48 -2.90
N THR A 74 -19.28 -21.85 -1.77
CA THR A 74 -19.06 -20.42 -1.55
C THR A 74 -18.17 -20.19 -0.34
N ASP A 75 -17.73 -21.26 0.31
CA ASP A 75 -17.12 -21.14 1.63
C ASP A 75 -15.79 -21.84 1.72
N PHE A 76 -14.74 -21.07 1.97
CA PHE A 76 -13.36 -21.54 1.84
C PHE A 76 -12.48 -21.02 2.98
N THR A 77 -11.51 -21.86 3.38
CA THR A 77 -10.63 -21.58 4.50
C THR A 77 -9.19 -21.94 4.10
N LEU A 78 -8.27 -21.02 4.37
CA LEU A 78 -6.85 -21.31 4.39
C LEU A 78 -6.42 -21.44 5.85
N LYS A 79 -5.71 -22.52 6.15
CA LYS A 79 -5.08 -22.73 7.47
C LYS A 79 -3.56 -22.81 7.39
N ILE A 80 -2.91 -22.16 8.33
CA ILE A 80 -1.46 -22.27 8.48
C ILE A 80 -1.24 -22.87 9.84
N SER A 81 -0.65 -24.06 9.88
CA SER A 81 -0.62 -24.88 11.09
C SER A 81 0.26 -24.36 12.23
N ARG A 82 1.41 -23.77 11.89
CA ARG A 82 2.31 -23.13 12.87
C ARG A 82 3.01 -21.94 12.22
N VAL A 83 2.44 -20.76 12.40
CA VAL A 83 2.93 -19.58 11.65
C VAL A 83 4.40 -19.27 11.91
N GLU A 84 5.09 -18.95 10.81
CA GLU A 84 6.52 -18.59 10.84
C GLU A 84 6.66 -17.14 10.43
N ALA A 85 7.77 -16.51 10.79
CA ALA A 85 8.05 -15.13 10.35
C ALA A 85 7.93 -14.98 8.81
N GLU A 86 8.40 -15.98 8.06
CA GLU A 86 8.29 -16.05 6.59
C GLU A 86 6.84 -15.96 6.08
N ASP A 87 5.90 -16.39 6.91
CA ASP A 87 4.48 -16.42 6.53
C ASP A 87 3.78 -15.06 6.63
N LEU A 88 4.44 -14.06 7.24
CA LEU A 88 3.79 -12.75 7.44
C LEU A 88 3.67 -11.98 6.13
N GLY A 89 2.51 -11.38 5.91
CA GLY A 89 2.22 -10.72 4.65
C GLY A 89 0.71 -10.61 4.43
N VAL A 90 0.31 -10.30 3.20
CA VAL A 90 -1.11 -10.20 2.87
C VAL A 90 -1.55 -11.41 2.06
N TYR A 91 -2.59 -12.09 2.55
CA TYR A 91 -3.17 -13.25 1.87
C TYR A 91 -4.35 -12.85 1.01
N PHE A 92 -4.35 -13.32 -0.25
CA PHE A 92 -5.48 -13.08 -1.15
C PHE A 92 -6.11 -14.39 -1.58
N CYS A 93 -7.42 -14.47 -1.48
CA CYS A 93 -8.15 -15.51 -2.22
C CYS A 93 -8.54 -15.01 -3.61
N SER A 94 -8.67 -15.94 -4.54
CA SER A 94 -8.86 -15.63 -5.95
C SER A 94 -9.89 -16.61 -6.52
N GLN A 95 -10.85 -16.11 -7.30
CA GLN A 95 -11.69 -17.02 -8.09
C GLN A 95 -11.46 -16.83 -9.59
N SER A 96 -11.41 -17.95 -10.31
CA SER A 96 -11.31 -17.88 -11.77
C SER A 96 -12.36 -18.76 -12.45
N THR A 97 -13.37 -19.20 -11.71
CA THR A 97 -14.54 -19.90 -12.29
C THR A 97 -15.34 -18.94 -13.21
N HIS A 98 -15.46 -17.69 -12.76
CA HIS A 98 -16.26 -16.67 -13.43
C HIS A 98 -15.39 -15.51 -13.91
N VAL A 99 -15.65 -15.03 -15.12
CA VAL A 99 -15.07 -13.81 -15.67
C VAL A 99 -16.09 -12.71 -15.44
N PRO A 100 -15.68 -11.56 -14.90
CA PRO A 100 -14.31 -11.14 -14.52
C PRO A 100 -13.68 -11.93 -13.35
N PHE A 101 -12.40 -12.27 -13.47
CA PHE A 101 -11.67 -12.90 -12.36
C PHE A 101 -11.61 -11.90 -11.22
N THR A 102 -11.85 -12.36 -10.01
CA THR A 102 -11.89 -11.43 -8.88
C THR A 102 -11.00 -11.94 -7.74
N PHE A 103 -10.64 -11.02 -6.85
CA PHE A 103 -9.78 -11.28 -5.73
C PHE A 103 -10.47 -10.79 -4.51
N GLY A 104 -10.20 -11.45 -3.39
CA GLY A 104 -10.56 -10.93 -2.07
C GLY A 104 -9.77 -9.67 -1.80
N SER A 105 -10.18 -8.93 -0.76
CA SER A 105 -9.55 -7.67 -0.36
C SER A 105 -8.14 -7.81 0.23
N GLY A 106 -7.85 -9.00 0.75
CA GLY A 106 -6.56 -9.26 1.39
C GLY A 106 -6.70 -9.35 2.89
N THR A 107 -6.02 -10.32 3.49
CA THR A 107 -6.00 -10.48 4.94
C THR A 107 -4.55 -10.32 5.32
N LYS A 108 -4.26 -9.33 6.17
CA LYS A 108 -2.89 -9.10 6.58
C LYS A 108 -2.59 -9.85 7.87
N LEU A 109 -1.63 -10.74 7.77
CA LEU A 109 -1.18 -11.54 8.89
C LEU A 109 -0.09 -10.75 9.59
N GLU A 110 -0.33 -10.39 10.86
CA GLU A 110 0.56 -9.52 11.62
C GLU A 110 0.87 -10.07 13.02
N ILE A 111 1.87 -9.51 13.69
CA ILE A 111 2.28 -10.05 15.00
C ILE A 111 1.42 -9.52 16.13
N LYS A 112 0.83 -10.44 16.89
CA LYS A 112 0.09 -10.11 18.11
C LYS A 112 1.02 -9.73 19.26
N ARG A 113 0.73 -8.61 19.91
CA ARG A 113 1.44 -8.19 21.13
C ARG A 113 0.43 -7.52 22.05
N ALA A 114 0.90 -7.06 23.21
CA ALA A 114 0.05 -6.31 24.13
C ALA A 114 -0.38 -4.96 23.53
N ASP A 115 -1.63 -4.59 23.77
CA ASP A 115 -2.11 -3.25 23.43
C ASP A 115 -1.20 -2.19 24.05
N ALA A 116 -0.96 -1.10 23.31
CA ALA A 116 -0.14 0.01 23.79
C ALA A 116 -0.76 1.30 23.31
N ALA A 117 -0.90 2.25 24.22
CA ALA A 117 -1.40 3.59 23.89
C ALA A 117 -0.34 4.38 23.14
N PRO A 118 -0.75 5.22 22.18
CA PRO A 118 0.19 6.07 21.45
C PRO A 118 0.85 7.14 22.34
N THR A 119 2.11 7.48 22.01
CA THR A 119 2.76 8.69 22.52
C THR A 119 2.50 9.78 21.47
N VAL A 120 1.81 10.83 21.91
CA VAL A 120 1.30 11.84 21.01
C VAL A 120 2.00 13.20 21.21
N SER A 121 2.34 13.83 20.09
CA SER A 121 2.89 15.18 20.13
C SER A 121 2.40 16.04 18.98
N ILE A 122 2.17 17.32 19.28
CA ILE A 122 1.62 18.28 18.32
C ILE A 122 2.69 19.32 17.98
N PHE A 123 2.70 19.78 16.73
CA PHE A 123 3.66 20.79 16.26
C PHE A 123 2.94 21.88 15.48
N PRO A 124 3.21 23.15 15.82
CA PRO A 124 2.66 24.29 15.08
C PRO A 124 3.31 24.49 13.71
N PRO A 125 2.68 25.31 12.85
CA PRO A 125 3.31 25.62 11.58
C PRO A 125 4.67 26.27 11.81
N SER A 126 5.62 25.96 10.93
CA SER A 126 6.96 26.53 11.00
C SER A 126 6.90 27.96 10.47
N SER A 127 7.85 28.78 10.90
CA SER A 127 7.97 30.14 10.38
C SER A 127 8.26 30.08 8.88
N GLU A 128 9.08 29.11 8.46
CA GLU A 128 9.35 28.90 7.03
C GLU A 128 8.05 28.74 6.23
N GLN A 129 7.17 27.82 6.66
CA GLN A 129 5.91 27.59 5.95
C GLN A 129 5.01 28.81 5.99
N LEU A 130 4.94 29.45 7.15
CA LEU A 130 4.12 30.65 7.29
C LEU A 130 4.60 31.79 6.38
N THR A 131 5.91 31.99 6.27
CA THR A 131 6.46 32.98 5.30
C THR A 131 5.89 32.74 3.88
N SER A 132 5.68 31.48 3.52
CA SER A 132 5.18 31.10 2.18
C SER A 132 3.66 31.14 2.01
N GLY A 133 2.91 31.37 3.09
CA GLY A 133 1.44 31.51 3.01
C GLY A 133 0.63 30.26 3.31
N GLY A 134 1.30 29.24 3.83
CA GLY A 134 0.64 28.01 4.25
C GLY A 134 0.84 27.77 5.74
N ALA A 135 0.11 26.81 6.29
CA ALA A 135 0.17 26.54 7.72
C ALA A 135 -0.29 25.12 8.02
N SER A 136 0.66 24.18 8.12
CA SER A 136 0.32 22.79 8.42
C SER A 136 0.53 22.52 9.90
N VAL A 137 -0.44 21.87 10.51
CA VAL A 137 -0.34 21.53 11.92
C VAL A 137 -0.18 20.02 11.93
N VAL A 138 0.79 19.51 12.70
CA VAL A 138 1.17 18.11 12.62
C VAL A 138 1.05 17.44 13.99
N CYS A 139 0.51 16.22 13.97
CA CYS A 139 0.42 15.39 15.15
C CYS A 139 1.01 14.00 14.88
N PHE A 140 2.01 13.63 15.68
CA PHE A 140 2.60 12.28 15.61
C PHE A 140 2.01 11.43 16.70
N LEU A 141 1.58 10.23 16.33
CA LEU A 141 1.01 9.29 17.29
C LEU A 141 1.80 8.01 17.18
N ASN A 142 2.71 7.82 18.12
CA ASN A 142 3.80 6.88 17.93
C ASN A 142 3.75 5.66 18.85
N ASN A 143 4.09 4.52 18.27
CA ASN A 143 4.29 3.24 18.98
C ASN A 143 3.04 2.73 19.70
N PHE A 144 1.95 2.51 18.97
CA PHE A 144 0.73 2.01 19.60
C PHE A 144 0.35 0.65 19.03
N TYR A 145 -0.50 -0.06 19.76
CA TYR A 145 -1.01 -1.34 19.27
C TYR A 145 -2.39 -1.58 19.87
N PRO A 146 -3.40 -2.03 19.06
CA PRO A 146 -3.39 -2.34 17.62
C PRO A 146 -3.43 -1.08 16.74
N LYS A 147 -3.42 -1.27 15.43
CA LYS A 147 -3.24 -0.19 14.46
C LYS A 147 -4.45 0.75 14.35
N ASP A 148 -5.63 0.26 14.71
CA ASP A 148 -6.88 1.01 14.62
C ASP A 148 -6.83 2.17 15.59
N ILE A 149 -7.18 3.36 15.13
CA ILE A 149 -7.09 4.59 15.96
C ILE A 149 -7.89 5.74 15.33
N ASN A 150 -8.53 6.55 16.17
CA ASN A 150 -9.32 7.72 15.70
C ASN A 150 -8.67 9.04 16.12
N VAL A 151 -8.25 9.82 15.13
CA VAL A 151 -7.67 11.13 15.38
C VAL A 151 -8.68 12.19 14.94
N LYS A 152 -8.98 13.10 15.86
CA LYS A 152 -9.92 14.19 15.66
C LYS A 152 -9.14 15.51 15.79
N TRP A 153 -9.28 16.37 14.79
CA TRP A 153 -8.73 17.75 14.85
C TRP A 153 -9.80 18.73 15.26
N LYS A 154 -9.44 19.58 16.21
CA LYS A 154 -10.34 20.66 16.65
C LYS A 154 -9.67 22.03 16.58
N ILE A 155 -10.38 23.00 16.01
CA ILE A 155 -9.94 24.40 15.95
C ILE A 155 -10.95 25.21 16.75
N ASP A 156 -10.48 25.88 17.82
CA ASP A 156 -11.36 26.68 18.70
C ASP A 156 -12.59 25.89 19.13
N GLY A 157 -12.36 24.61 19.43
CA GLY A 157 -13.40 23.73 19.97
C GLY A 157 -14.25 22.99 18.96
N SER A 158 -14.27 23.44 17.72
CA SER A 158 -15.09 22.82 16.66
C SER A 158 -14.24 21.84 15.85
N GLU A 159 -14.80 20.69 15.52
CA GLU A 159 -14.11 19.70 14.72
C GLU A 159 -13.75 20.18 13.31
N ARG A 160 -12.68 19.62 12.75
CA ARG A 160 -12.26 19.95 11.40
C ARG A 160 -12.05 18.67 10.55
N GLN A 161 -12.56 18.66 9.33
CA GLN A 161 -12.47 17.51 8.41
C GLN A 161 -11.55 17.81 7.21
N ASN A 162 -11.74 18.97 6.58
CA ASN A 162 -10.91 19.42 5.44
C ASN A 162 -9.44 19.64 5.75
N GLY A 163 -8.59 19.25 4.81
CA GLY A 163 -7.15 19.50 4.92
C GLY A 163 -6.39 18.51 5.79
N VAL A 164 -7.02 17.40 6.14
CA VAL A 164 -6.40 16.41 7.04
C VAL A 164 -5.83 15.26 6.25
N LEU A 165 -4.58 14.91 6.52
CA LEU A 165 -3.93 13.80 5.83
C LEU A 165 -3.24 12.85 6.81
N ASN A 166 -3.58 11.57 6.73
CA ASN A 166 -3.15 10.58 7.71
C ASN A 166 -2.30 9.51 7.08
N SER A 167 -1.18 9.19 7.71
CA SER A 167 -0.28 8.20 7.17
C SER A 167 0.18 7.26 8.27
N TRP A 168 0.08 5.95 8.03
CA TRP A 168 0.49 4.93 9.00
C TRP A 168 1.76 4.21 8.57
N THR A 169 2.67 3.96 9.50
CA THR A 169 3.77 3.01 9.23
C THR A 169 3.26 1.56 9.16
N ASP A 170 4.10 0.67 8.65
CA ASP A 170 3.89 -0.78 8.76
C ASP A 170 4.34 -1.21 10.14
N GLN A 171 3.96 -2.44 10.54
CA GLN A 171 4.29 -2.93 11.89
C GLN A 171 5.80 -2.95 12.10
N ASP A 172 6.23 -2.44 13.25
CA ASP A 172 7.66 -2.38 13.60
C ASP A 172 8.25 -3.75 13.80
N SER A 173 9.39 -4.00 13.15
CA SER A 173 10.09 -5.27 13.23
C SER A 173 10.56 -5.64 14.65
N LYS A 174 10.83 -4.65 15.50
CA LYS A 174 11.39 -4.92 16.83
C LYS A 174 10.29 -4.99 17.88
N ASP A 175 9.50 -3.91 18.01
CA ASP A 175 8.48 -3.85 19.08
C ASP A 175 7.03 -4.16 18.67
N SER A 176 6.84 -4.46 17.39
CA SER A 176 5.51 -4.88 16.85
C SER A 176 4.39 -3.83 16.98
N THR A 177 4.77 -2.57 17.18
CA THR A 177 3.81 -1.44 17.27
C THR A 177 3.68 -0.75 15.91
N TYR A 178 2.72 0.16 15.83
CA TYR A 178 2.46 0.97 14.63
C TYR A 178 2.62 2.42 15.03
N SER A 179 2.87 3.28 14.06
CA SER A 179 2.90 4.73 14.33
C SER A 179 2.11 5.40 13.24
N MET A 180 1.66 6.61 13.51
CA MET A 180 0.90 7.35 12.51
C MET A 180 1.15 8.85 12.59
N SER A 181 1.12 9.47 11.42
CA SER A 181 1.26 10.93 11.30
C SER A 181 -0.07 11.49 10.79
N SER A 182 -0.53 12.55 11.45
CA SER A 182 -1.73 13.25 11.00
C SER A 182 -1.42 14.72 10.77
N THR A 183 -1.74 15.20 9.57
CA THR A 183 -1.40 16.59 9.23
C THR A 183 -2.64 17.36 8.79
N LEU A 184 -2.95 18.43 9.52
CA LEU A 184 -4.00 19.34 9.12
C LEU A 184 -3.36 20.52 8.39
N THR A 185 -3.65 20.66 7.09
CA THR A 185 -3.15 21.80 6.33
C THR A 185 -4.22 22.86 6.15
N LEU A 186 -3.90 24.06 6.64
CA LEU A 186 -4.73 25.24 6.54
C LEU A 186 -4.02 26.27 5.67
N THR A 187 -4.76 27.31 5.30
CA THR A 187 -4.15 28.52 4.75
C THR A 187 -3.58 29.33 5.95
N LYS A 188 -2.60 30.18 5.69
CA LYS A 188 -2.17 31.13 6.72
C LYS A 188 -3.37 32.00 7.17
N ASP A 189 -4.27 32.34 6.22
CA ASP A 189 -5.49 33.11 6.51
C ASP A 189 -6.35 32.44 7.59
N GLU A 190 -6.69 31.16 7.40
CA GLU A 190 -7.47 30.44 8.43
C GLU A 190 -6.70 30.36 9.74
N TYR A 191 -5.40 30.12 9.64
CA TYR A 191 -4.55 29.91 10.81
C TYR A 191 -4.50 31.14 11.73
N GLU A 192 -4.32 32.30 11.10
CA GLU A 192 -4.28 33.59 11.77
C GLU A 192 -5.65 34.07 12.27
N ARG A 193 -6.70 33.39 11.83
CA ARG A 193 -8.07 33.68 12.22
C ARG A 193 -8.53 32.89 13.45
N HIS A 194 -7.84 31.80 13.77
CA HIS A 194 -8.22 30.97 14.92
C HIS A 194 -7.06 30.84 15.90
N ASN A 195 -7.32 30.37 17.11
CA ASN A 195 -6.26 30.37 18.12
C ASN A 195 -5.91 29.06 18.76
N SER A 196 -6.92 28.23 19.03
CA SER A 196 -6.73 26.95 19.73
C SER A 196 -6.70 25.78 18.74
N TYR A 197 -5.62 24.99 18.75
CA TYR A 197 -5.44 23.86 17.83
C TYR A 197 -5.21 22.61 18.63
N THR A 198 -6.07 21.62 18.41
CA THR A 198 -6.03 20.37 19.16
C THR A 198 -6.07 19.15 18.26
N CYS A 199 -5.26 18.16 18.60
CA CYS A 199 -5.36 16.82 18.07
C CYS A 199 -5.74 15.88 19.21
N GLU A 200 -6.78 15.11 18.97
CA GLU A 200 -7.36 14.19 19.94
C GLU A 200 -7.32 12.80 19.36
N ALA A 201 -6.79 11.87 20.13
CA ALA A 201 -6.60 10.50 19.68
C ALA A 201 -7.35 9.60 20.63
N THR A 202 -8.25 8.80 20.07
CA THR A 202 -8.91 7.77 20.84
C THR A 202 -8.48 6.39 20.31
N HIS A 203 -8.08 5.56 21.26
CA HIS A 203 -7.55 4.25 20.98
C HIS A 203 -8.11 3.32 22.05
N LYS A 204 -8.28 2.04 21.73
CA LYS A 204 -8.94 1.09 22.66
C LYS A 204 -8.28 0.98 24.05
N THR A 205 -7.01 1.39 24.16
CA THR A 205 -6.28 1.31 25.43
C THR A 205 -6.90 2.18 26.55
N SER A 206 -7.68 3.18 26.16
CA SER A 206 -8.36 4.05 27.11
C SER A 206 -9.67 4.62 26.55
N THR A 207 -10.68 4.76 27.41
CA THR A 207 -11.91 5.41 27.01
C THR A 207 -11.76 6.93 26.92
N SER A 208 -10.70 7.48 27.51
CA SER A 208 -10.49 8.93 27.38
C SER A 208 -9.47 9.27 26.29
N PRO A 209 -9.80 10.27 25.43
CA PRO A 209 -8.88 10.72 24.37
C PRO A 209 -7.57 11.24 24.96
N ILE A 210 -6.48 11.04 24.22
CA ILE A 210 -5.20 11.72 24.47
C ILE A 210 -5.35 13.07 23.80
N VAL A 211 -5.28 14.17 24.56
CA VAL A 211 -5.49 15.49 23.98
C VAL A 211 -4.18 16.28 23.98
N LYS A 212 -3.77 16.76 22.81
CA LYS A 212 -2.59 17.61 22.71
C LYS A 212 -2.97 18.88 21.95
N SER A 213 -2.57 20.03 22.47
CA SER A 213 -2.94 21.27 21.83
C SER A 213 -1.95 22.39 22.06
N PHE A 214 -2.10 23.45 21.28
CA PHE A 214 -1.41 24.68 21.55
C PHE A 214 -2.30 25.84 21.17
N ASN A 215 -1.88 27.01 21.64
CA ASN A 215 -2.48 28.27 21.30
C ASN A 215 -1.53 29.03 20.40
N ARG A 216 -1.99 29.33 19.19
CA ARG A 216 -1.22 30.13 18.25
C ARG A 216 -0.51 31.32 18.93
N ASN A 217 -1.24 32.08 19.73
CA ASN A 217 -0.73 33.37 20.22
C ASN A 217 0.41 33.24 21.24
N GLU A 218 0.61 32.01 21.71
CA GLU A 218 1.63 31.70 22.70
C GLU A 218 2.93 31.24 22.07
N CYS A 219 2.85 30.72 20.85
CA CYS A 219 4.05 30.27 20.11
C CYS A 219 5.01 31.42 19.84
N GLU B 1 13.04 -23.01 -15.41
CA GLU B 1 12.00 -22.14 -14.79
C GLU B 1 11.46 -21.10 -15.76
N VAL B 2 10.15 -20.93 -15.78
CA VAL B 2 9.56 -19.89 -16.61
C VAL B 2 9.76 -18.51 -15.95
N GLN B 3 10.26 -17.57 -16.76
CA GLN B 3 10.54 -16.20 -16.34
C GLN B 3 9.60 -15.27 -17.06
N VAL B 4 9.07 -14.30 -16.33
CA VAL B 4 8.21 -13.28 -16.93
C VAL B 4 8.85 -11.90 -16.65
N VAL B 5 8.86 -11.02 -17.67
CA VAL B 5 9.42 -9.66 -17.52
C VAL B 5 8.53 -8.64 -18.25
N GLU B 6 7.95 -7.71 -17.48
CA GLU B 6 7.15 -6.61 -18.07
C GLU B 6 8.05 -5.42 -18.32
N SER B 7 7.59 -4.51 -19.18
CA SER B 7 8.31 -3.28 -19.50
C SER B 7 7.39 -2.27 -20.15
N GLY B 8 7.86 -1.02 -20.24
CA GLY B 8 7.10 0.04 -20.89
C GLY B 8 6.44 1.03 -19.95
N GLY B 9 6.49 0.74 -18.65
CA GLY B 9 5.99 1.66 -17.65
C GLY B 9 6.66 3.02 -17.61
N GLY B 10 5.98 4.00 -17.02
CA GLY B 10 6.58 5.31 -16.83
C GLY B 10 5.54 6.36 -16.50
N LEU B 11 5.90 7.62 -16.74
CA LEU B 11 5.06 8.77 -16.45
C LEU B 11 4.29 9.15 -17.72
N VAL B 12 2.96 9.16 -17.60
CA VAL B 12 2.08 9.55 -18.70
C VAL B 12 1.02 10.55 -18.18
N GLN B 13 0.72 11.55 -19.01
CA GLN B 13 -0.33 12.53 -18.69
C GLN B 13 -1.74 11.91 -18.80
N PRO B 14 -2.68 12.40 -17.96
CA PRO B 14 -4.07 11.97 -18.04
C PRO B 14 -4.61 12.13 -19.46
N LYS B 15 -5.47 11.19 -19.88
CA LYS B 15 -6.02 11.13 -21.23
C LYS B 15 -5.02 10.57 -22.25
N GLY B 16 -3.81 10.29 -21.79
CA GLY B 16 -2.73 9.80 -22.65
C GLY B 16 -2.78 8.30 -22.89
N SER B 17 -1.85 7.82 -23.70
CA SER B 17 -1.78 6.39 -24.00
C SER B 17 -0.43 5.80 -23.62
N LEU B 18 -0.41 4.48 -23.47
CA LEU B 18 0.76 3.74 -23.03
C LEU B 18 0.66 2.27 -23.42
N LYS B 19 1.67 1.76 -24.11
CA LYS B 19 1.76 0.32 -24.41
C LYS B 19 2.76 -0.37 -23.51
N LEU B 20 2.28 -1.39 -22.79
CA LEU B 20 3.15 -2.24 -21.97
C LEU B 20 3.46 -3.54 -22.70
N SER B 21 4.69 -4.03 -22.51
CA SER B 21 5.10 -5.28 -23.14
C SER B 21 5.48 -6.30 -22.09
N CYS B 22 5.44 -7.56 -22.49
CA CYS B 22 5.79 -8.66 -21.63
C CYS B 22 6.42 -9.81 -22.42
N VAL B 23 7.48 -10.35 -21.88
CA VAL B 23 8.12 -11.50 -22.49
C VAL B 23 8.15 -12.68 -21.51
N VAL B 24 7.76 -13.84 -22.01
CA VAL B 24 7.88 -15.09 -21.25
C VAL B 24 9.04 -15.92 -21.79
N SER B 25 9.97 -16.28 -20.90
CA SER B 25 11.14 -17.10 -21.20
C SER B 25 11.03 -18.45 -20.48
N GLY B 26 11.83 -19.44 -20.89
CA GLY B 26 11.84 -20.78 -20.26
C GLY B 26 10.48 -21.48 -20.29
N SER B 27 9.72 -21.22 -21.36
CA SER B 27 8.40 -21.78 -21.54
C SER B 27 8.38 -22.73 -22.72
N THR B 28 7.41 -23.65 -22.71
CA THR B 28 7.26 -24.66 -23.75
C THR B 28 6.06 -24.24 -24.58
N LEU B 29 6.32 -23.86 -25.82
CA LEU B 29 5.30 -23.37 -26.76
C LEU B 29 4.53 -22.14 -26.25
N ASN B 30 3.32 -21.98 -26.76
CA ASN B 30 2.49 -20.81 -26.42
C ASN B 30 1.06 -21.19 -26.07
N ASN B 31 0.92 -22.42 -25.59
CA ASN B 31 -0.35 -23.06 -25.29
C ASN B 31 -0.87 -22.78 -23.87
N TYR B 32 -0.86 -21.52 -23.46
CA TYR B 32 -1.29 -21.09 -22.11
C TYR B 32 -1.87 -19.68 -22.21
N ALA B 33 -2.68 -19.30 -21.23
CA ALA B 33 -3.25 -17.97 -21.21
C ALA B 33 -2.28 -17.02 -20.51
N MET B 34 -2.38 -15.73 -20.83
CA MET B 34 -1.58 -14.71 -20.15
C MET B 34 -2.52 -13.66 -19.61
N ASN B 35 -2.16 -13.10 -18.46
CA ASN B 35 -3.00 -12.09 -17.82
C ASN B 35 -2.18 -10.86 -17.43
N TRP B 36 -2.89 -9.76 -17.25
CA TRP B 36 -2.37 -8.58 -16.60
C TRP B 36 -3.18 -8.33 -15.33
N VAL B 37 -2.47 -8.11 -14.24
CA VAL B 37 -3.08 -7.82 -12.95
C VAL B 37 -2.38 -6.54 -12.46
N ARG B 38 -3.13 -5.61 -11.90
CA ARG B 38 -2.53 -4.36 -11.39
C ARG B 38 -2.79 -4.14 -9.91
N GLN B 39 -1.99 -3.27 -9.32
CA GLN B 39 -2.08 -2.98 -7.90
C GLN B 39 -1.73 -1.53 -7.68
N ALA B 40 -2.76 -0.75 -7.33
CA ALA B 40 -2.63 0.64 -6.98
C ALA B 40 -1.92 0.74 -5.63
N PRO B 41 -1.17 1.83 -5.41
CA PRO B 41 -0.42 1.98 -4.16
C PRO B 41 -1.30 1.76 -2.92
N GLY B 42 -0.92 0.80 -2.08
CA GLY B 42 -1.61 0.52 -0.82
C GLY B 42 -2.95 -0.18 -0.94
N LYS B 43 -3.25 -0.70 -2.13
CA LYS B 43 -4.52 -1.34 -2.42
C LYS B 43 -4.30 -2.81 -2.82
N GLY B 44 -5.40 -3.47 -3.14
CA GLY B 44 -5.37 -4.89 -3.45
C GLY B 44 -5.07 -5.19 -4.91
N LEU B 45 -5.26 -6.46 -5.26
CA LEU B 45 -4.98 -6.95 -6.59
C LEU B 45 -6.21 -6.77 -7.45
N GLU B 46 -6.02 -6.21 -8.66
CA GLU B 46 -7.12 -6.02 -9.60
C GLU B 46 -6.77 -6.65 -10.94
N TRP B 47 -7.45 -7.75 -11.26
CA TRP B 47 -7.32 -8.39 -12.57
C TRP B 47 -7.77 -7.40 -13.65
N VAL B 48 -7.04 -7.35 -14.74
CA VAL B 48 -7.30 -6.34 -15.77
C VAL B 48 -7.67 -6.94 -17.13
N ALA B 49 -6.91 -7.94 -17.57
CA ALA B 49 -7.13 -8.50 -18.90
C ALA B 49 -6.54 -9.91 -19.02
N ARG B 50 -7.09 -10.68 -19.96
CA ARG B 50 -6.77 -12.09 -20.16
C ARG B 50 -6.75 -12.34 -21.67
N ILE B 51 -5.72 -13.03 -22.17
CA ILE B 51 -5.74 -13.50 -23.53
C ILE B 51 -5.44 -14.99 -23.55
N ARG B 52 -6.31 -15.75 -24.17
CA ARG B 52 -6.15 -17.19 -24.16
C ARG B 52 -5.23 -17.62 -25.30
N SER B 53 -4.91 -18.91 -25.31
CA SER B 53 -4.05 -19.53 -26.32
C SER B 53 -4.70 -19.56 -27.70
N LYS B 54 -3.87 -19.80 -28.71
CA LYS B 54 -4.32 -20.07 -30.07
C LYS B 54 -5.45 -21.12 -30.13
N SER B 55 -5.33 -22.18 -29.33
CA SER B 55 -6.27 -23.29 -29.31
C SER B 55 -7.63 -22.83 -28.83
N ASN B 56 -7.62 -21.76 -28.04
CA ASN B 56 -8.82 -21.15 -27.50
C ASN B 56 -9.13 -19.83 -28.23
N ASN B 57 -8.66 -19.77 -29.48
CA ASN B 57 -9.01 -18.75 -30.46
C ASN B 57 -8.58 -17.35 -29.99
N TYR B 58 -7.48 -17.36 -29.23
CA TYR B 58 -6.90 -16.15 -28.67
C TYR B 58 -7.95 -15.24 -28.04
N ALA B 59 -8.91 -15.83 -27.33
CA ALA B 59 -10.04 -15.09 -26.76
C ALA B 59 -9.56 -14.10 -25.70
N THR B 60 -10.15 -12.92 -25.71
CA THR B 60 -9.74 -11.84 -24.81
C THR B 60 -10.88 -11.44 -23.88
N TYR B 61 -10.52 -10.99 -22.69
CA TYR B 61 -11.44 -10.64 -21.64
C TYR B 61 -10.83 -9.49 -20.87
N TYR B 62 -11.68 -8.61 -20.36
CA TYR B 62 -11.25 -7.40 -19.68
C TYR B 62 -12.10 -7.13 -18.46
N ALA B 63 -11.49 -6.52 -17.44
CA ALA B 63 -12.22 -5.92 -16.33
C ALA B 63 -13.13 -4.77 -16.84
N ASP B 64 -14.34 -4.66 -16.30
CA ASP B 64 -15.29 -3.57 -16.70
C ASP B 64 -14.66 -2.18 -16.55
N SER B 65 -13.79 -2.03 -15.55
CA SER B 65 -13.13 -0.75 -15.27
C SER B 65 -12.17 -0.29 -16.37
N VAL B 66 -11.69 -1.23 -17.19
CA VAL B 66 -10.77 -0.91 -18.28
C VAL B 66 -11.30 -1.25 -19.68
N LYS B 67 -12.38 -2.02 -19.77
CA LYS B 67 -12.95 -2.45 -21.05
C LYS B 67 -13.09 -1.27 -22.01
N ASP B 68 -12.66 -1.48 -23.24
CA ASP B 68 -12.76 -0.47 -24.28
C ASP B 68 -12.01 0.87 -23.96
N ARG B 69 -10.99 0.76 -23.09
CA ARG B 69 -9.90 1.73 -23.01
C ARG B 69 -8.60 0.94 -23.20
N PHE B 70 -8.63 -0.33 -22.78
CA PHE B 70 -7.47 -1.22 -22.85
C PHE B 70 -7.69 -2.25 -23.94
N THR B 71 -6.60 -2.67 -24.58
CA THR B 71 -6.66 -3.80 -25.51
C THR B 71 -5.43 -4.69 -25.26
N ILE B 72 -5.64 -6.00 -25.22
CA ILE B 72 -4.56 -6.97 -25.02
C ILE B 72 -4.35 -7.82 -26.27
N SER B 73 -3.10 -8.19 -26.53
CA SER B 73 -2.76 -9.03 -27.68
C SER B 73 -1.53 -9.85 -27.35
N ARG B 74 -1.03 -10.57 -28.34
CA ARG B 74 0.07 -11.49 -28.14
C ARG B 74 0.72 -11.80 -29.49
N ASP B 75 2.05 -11.88 -29.48
CA ASP B 75 2.84 -12.33 -30.64
C ASP B 75 3.64 -13.57 -30.24
N ASP B 76 3.10 -14.73 -30.57
CA ASP B 76 3.65 -16.02 -30.14
C ASP B 76 4.98 -16.38 -30.81
N SER B 77 5.23 -15.83 -31.99
CA SER B 77 6.51 -16.04 -32.68
C SER B 77 7.69 -15.42 -31.90
N GLN B 78 7.38 -14.68 -30.85
CA GLN B 78 8.39 -14.05 -29.99
C GLN B 78 8.09 -14.22 -28.50
N SER B 79 7.06 -15.01 -28.21
CA SER B 79 6.46 -15.13 -26.87
C SER B 79 6.32 -13.79 -26.17
N MET B 80 5.73 -12.82 -26.88
CA MET B 80 5.46 -11.48 -26.35
C MET B 80 3.96 -11.27 -26.06
N ILE B 81 3.66 -10.57 -24.96
CA ILE B 81 2.29 -10.15 -24.63
C ILE B 81 2.23 -8.61 -24.56
N TYR B 82 1.13 -8.02 -25.03
CA TYR B 82 1.01 -6.56 -25.03
C TYR B 82 -0.26 -6.09 -24.33
N LEU B 83 -0.14 -4.94 -23.68
CA LEU B 83 -1.29 -4.25 -23.14
C LEU B 83 -1.23 -2.80 -23.62
N GLN B 84 -2.18 -2.44 -24.48
CA GLN B 84 -2.37 -1.05 -24.93
C GLN B 84 -3.44 -0.36 -24.09
N MET B 85 -3.04 0.74 -23.45
CA MET B 85 -3.92 1.50 -22.60
C MET B 85 -4.17 2.85 -23.23
N ASN B 86 -5.45 3.23 -23.35
CA ASN B 86 -5.81 4.50 -23.96
C ASN B 86 -6.64 5.31 -22.98
N ASN B 87 -6.71 6.63 -23.19
CA ASN B 87 -7.43 7.53 -22.30
C ASN B 87 -7.16 7.29 -20.81
N LEU B 88 -5.89 7.21 -20.43
CA LEU B 88 -5.53 6.88 -19.07
C LEU B 88 -6.12 7.90 -18.08
N LYS B 89 -6.45 7.39 -16.90
CA LYS B 89 -7.01 8.17 -15.80
C LYS B 89 -6.04 8.12 -14.63
N THR B 90 -6.06 9.12 -13.76
CA THR B 90 -5.16 9.10 -12.60
C THR B 90 -5.32 7.80 -11.79
N GLU B 91 -6.55 7.26 -11.79
CA GLU B 91 -6.87 5.97 -11.14
C GLU B 91 -6.22 4.73 -11.78
N ASP B 92 -5.69 4.86 -13.00
CA ASP B 92 -4.95 3.76 -13.64
C ASP B 92 -3.51 3.65 -13.12
N THR B 93 -3.13 4.57 -12.24
CA THR B 93 -1.83 4.53 -11.61
C THR B 93 -1.71 3.25 -10.79
N ALA B 94 -0.71 2.43 -11.11
CA ALA B 94 -0.54 1.13 -10.45
C ALA B 94 0.74 0.47 -10.88
N MET B 95 1.17 -0.54 -10.13
CA MET B 95 2.14 -1.50 -10.62
C MET B 95 1.37 -2.48 -11.52
N TYR B 96 1.87 -2.74 -12.72
CA TYR B 96 1.20 -3.64 -13.65
C TYR B 96 2.02 -4.89 -13.79
N TYR B 97 1.41 -6.03 -13.47
CA TYR B 97 2.08 -7.34 -13.57
C TYR B 97 1.54 -8.16 -14.72
N CYS B 98 2.47 -8.76 -15.45
CA CYS B 98 2.19 -9.79 -16.44
C CYS B 98 2.25 -11.15 -15.71
N VAL B 99 1.22 -11.98 -15.87
CA VAL B 99 1.09 -13.22 -15.08
C VAL B 99 0.61 -14.35 -15.97
N THR B 100 1.23 -15.52 -15.83
CA THR B 100 0.88 -16.71 -16.60
C THR B 100 -0.34 -17.40 -16.02
N TYR B 101 -1.07 -18.09 -16.88
CA TYR B 101 -2.13 -18.96 -16.42
C TYR B 101 -2.11 -20.18 -17.31
N GLY B 102 -1.23 -21.12 -16.96
CA GLY B 102 -1.16 -22.41 -17.61
C GLY B 102 -1.84 -23.42 -16.71
N ASN B 103 -1.11 -24.48 -16.36
CA ASN B 103 -1.61 -25.49 -15.43
C ASN B 103 -2.00 -24.88 -14.08
N HIS B 104 -1.25 -23.88 -13.65
CA HIS B 104 -1.50 -23.26 -12.33
C HIS B 104 -1.91 -21.81 -12.43
N PRO B 105 -2.96 -21.41 -11.66
CA PRO B 105 -3.54 -20.06 -11.76
C PRO B 105 -2.53 -19.02 -11.35
N PHE B 106 -2.37 -17.98 -12.17
CA PHE B 106 -1.52 -16.84 -11.83
C PHE B 106 -0.22 -17.26 -11.15
N ALA B 107 0.46 -18.23 -11.74
CA ALA B 107 1.59 -18.92 -11.09
C ALA B 107 2.91 -18.12 -11.17
N TYR B 108 3.19 -17.54 -12.33
CA TYR B 108 4.47 -16.89 -12.58
C TYR B 108 4.28 -15.42 -12.93
N TRP B 109 4.84 -14.55 -12.09
CA TRP B 109 4.65 -13.11 -12.16
C TRP B 109 5.94 -12.43 -12.56
N GLY B 110 5.85 -11.30 -13.25
CA GLY B 110 7.05 -10.46 -13.38
C GLY B 110 7.26 -9.66 -12.09
N GLN B 111 8.32 -8.87 -12.04
CA GLN B 111 8.55 -7.98 -10.89
C GLN B 111 7.59 -6.76 -11.00
N GLY B 112 6.95 -6.62 -12.16
CA GLY B 112 5.98 -5.55 -12.40
C GLY B 112 6.61 -4.34 -13.07
N THR B 113 5.78 -3.59 -13.79
CA THR B 113 6.18 -2.32 -14.41
C THR B 113 5.26 -1.19 -13.90
N LEU B 114 5.86 -0.12 -13.41
CA LEU B 114 5.14 0.97 -12.75
C LEU B 114 4.61 2.02 -13.74
N VAL B 115 3.31 2.27 -13.68
CA VAL B 115 2.66 3.26 -14.53
C VAL B 115 2.10 4.34 -13.63
N THR B 116 2.61 5.56 -13.77
CA THR B 116 2.12 6.68 -13.01
C THR B 116 1.38 7.59 -13.99
N VAL B 117 0.08 7.79 -13.75
CA VAL B 117 -0.69 8.70 -14.60
C VAL B 117 -0.93 10.01 -13.86
N SER B 118 -0.20 11.06 -14.26
CA SER B 118 -0.16 12.31 -13.53
C SER B 118 0.14 13.52 -14.42
N ALA B 119 -0.35 14.68 -14.01
CA ALA B 119 -0.09 15.94 -14.73
C ALA B 119 1.09 16.72 -14.13
N ALA B 120 1.62 16.24 -13.00
CA ALA B 120 2.67 16.95 -12.27
C ALA B 120 4.02 17.00 -12.99
N LYS B 121 4.82 18.01 -12.67
CA LYS B 121 6.21 18.10 -13.13
C LYS B 121 7.18 17.91 -11.96
N THR B 122 8.44 17.60 -12.26
CA THR B 122 9.42 17.25 -11.23
C THR B 122 9.75 18.43 -10.32
N THR B 123 9.29 18.36 -9.06
CA THR B 123 9.24 19.51 -8.15
C THR B 123 9.96 19.25 -6.82
N PRO B 124 10.87 20.16 -6.44
CA PRO B 124 11.48 20.03 -5.13
C PRO B 124 10.44 20.13 -4.00
N PRO B 125 10.74 19.49 -2.85
CA PRO B 125 9.90 19.64 -1.68
C PRO B 125 10.22 20.88 -0.88
N SER B 126 9.23 21.38 -0.14
CA SER B 126 9.50 22.33 0.91
C SER B 126 9.77 21.47 2.15
N VAL B 127 10.82 21.79 2.89
CA VAL B 127 11.19 20.99 4.07
C VAL B 127 10.94 21.82 5.34
N TYR B 128 9.98 21.41 6.14
CA TYR B 128 9.61 22.18 7.32
C TYR B 128 9.94 21.50 8.65
N PRO B 129 10.63 22.24 9.55
CA PRO B 129 10.94 21.69 10.87
C PRO B 129 9.70 21.55 11.75
N LEU B 130 9.64 20.45 12.50
CA LEU B 130 8.58 20.22 13.47
C LEU B 130 9.22 20.14 14.86
N ALA B 131 9.15 21.24 15.59
CA ALA B 131 9.76 21.37 16.90
C ALA B 131 8.68 21.69 17.95
N PRO B 132 8.83 21.15 19.16
CA PRO B 132 7.87 21.48 20.21
C PRO B 132 8.00 22.92 20.72
N GLY B 133 6.99 23.36 21.47
CA GLY B 133 7.09 24.56 22.30
C GLY B 133 6.19 25.72 21.97
N CYS B 134 5.03 25.77 22.65
CA CYS B 134 4.20 26.97 22.69
C CYS B 134 3.69 27.17 24.12
N THR B 138 7.76 19.40 28.77
CA THR B 138 8.74 18.60 28.03
C THR B 138 8.62 17.08 28.30
N GLY B 139 9.22 16.64 29.40
CA GLY B 139 9.34 15.21 29.72
C GLY B 139 10.75 14.70 29.46
N SER B 140 11.02 13.43 29.81
CA SER B 140 12.37 12.85 29.68
C SER B 140 12.81 12.55 28.23
N SER B 141 11.84 12.34 27.35
CA SER B 141 12.13 12.23 25.93
C SER B 141 11.44 13.37 25.18
N VAL B 142 12.04 13.78 24.05
CA VAL B 142 11.45 14.79 23.18
C VAL B 142 11.39 14.27 21.75
N THR B 143 10.24 14.47 21.11
CA THR B 143 10.04 14.06 19.72
C THR B 143 10.11 15.27 18.77
N LEU B 144 10.92 15.12 17.73
CA LEU B 144 11.09 16.15 16.70
C LEU B 144 10.64 15.55 15.37
N GLY B 145 10.45 16.40 14.36
CA GLY B 145 10.14 15.87 13.03
C GLY B 145 10.47 16.81 11.88
N CYS B 146 10.30 16.29 10.67
CA CYS B 146 10.38 17.11 9.46
C CYS B 146 9.21 16.82 8.55
N LEU B 147 8.62 17.87 8.01
CA LEU B 147 7.50 17.74 7.12
C LEU B 147 8.01 18.06 5.73
N VAL B 148 7.75 17.15 4.78
CA VAL B 148 8.32 17.18 3.45
C VAL B 148 7.19 17.24 2.43
N LYS B 149 6.91 18.44 1.96
CA LYS B 149 5.61 18.75 1.39
C LYS B 149 5.72 19.22 -0.04
N GLY B 150 4.87 18.67 -0.89
CA GLY B 150 4.64 19.18 -2.25
C GLY B 150 5.72 18.83 -3.24
N TYR B 151 6.18 17.57 -3.25
CA TYR B 151 7.25 17.16 -4.18
C TYR B 151 6.78 16.21 -5.27
N PHE B 152 7.57 16.10 -6.32
CA PHE B 152 7.30 15.16 -7.42
C PHE B 152 8.60 15.02 -8.23
N PRO B 153 8.90 13.79 -8.70
CA PRO B 153 8.17 12.54 -8.47
C PRO B 153 8.49 11.93 -7.12
N GLU B 154 8.00 10.71 -6.88
CA GLU B 154 8.19 10.07 -5.58
C GLU B 154 9.62 9.73 -5.25
N SER B 155 9.81 9.55 -3.94
CA SER B 155 11.03 9.06 -3.33
C SER B 155 11.96 10.20 -2.94
N VAL B 156 11.89 10.48 -1.66
CA VAL B 156 12.83 11.32 -0.97
C VAL B 156 13.46 10.36 0.03
N THR B 157 14.56 10.78 0.64
CA THR B 157 15.11 10.10 1.80
C THR B 157 15.36 11.13 2.87
N VAL B 158 14.87 10.87 4.08
CA VAL B 158 15.18 11.71 5.23
C VAL B 158 16.19 10.96 6.09
N THR B 159 17.28 11.64 6.43
CA THR B 159 18.33 11.09 7.29
C THR B 159 18.48 12.03 8.48
N TRP B 160 18.61 11.47 9.68
CA TRP B 160 18.76 12.27 10.89
C TRP B 160 20.20 12.27 11.47
N ASN B 161 20.72 13.45 11.78
CA ASN B 161 22.05 13.62 12.39
C ASN B 161 21.96 14.26 13.77
N SER B 167 18.24 3.39 16.50
CA SER B 167 17.50 4.52 15.84
C SER B 167 16.01 4.61 16.23
N SER B 168 15.64 5.76 16.78
CA SER B 168 14.26 6.01 17.22
C SER B 168 13.51 6.83 16.17
N VAL B 169 13.60 6.39 14.92
CA VAL B 169 13.08 7.13 13.77
C VAL B 169 11.83 6.47 13.20
N HIS B 170 10.84 7.30 12.82
CA HIS B 170 9.71 6.82 12.03
C HIS B 170 9.61 7.56 10.73
N THR B 171 9.48 6.82 9.63
CA THR B 171 9.32 7.38 8.30
C THR B 171 7.90 7.09 7.82
N PHE B 172 7.11 8.13 7.60
CA PHE B 172 5.69 7.93 7.29
C PHE B 172 5.51 7.90 5.79
N PRO B 173 4.83 6.84 5.27
CA PRO B 173 4.62 6.69 3.83
C PRO B 173 4.09 7.99 3.21
N ALA B 174 4.63 8.36 2.05
CA ALA B 174 4.15 9.49 1.25
C ALA B 174 2.74 9.25 0.73
N LEU B 175 1.96 10.33 0.64
CA LEU B 175 0.58 10.29 0.15
C LEU B 175 0.38 11.45 -0.80
N LEU B 176 -0.65 11.38 -1.64
CA LEU B 176 -0.96 12.47 -2.56
C LEU B 176 -1.82 13.55 -1.93
N GLN B 177 -1.38 14.79 -2.14
CA GLN B 177 -2.08 15.96 -1.65
C GLN B 177 -1.97 17.01 -2.75
N SER B 178 -3.11 17.32 -3.35
CA SER B 178 -3.20 18.18 -4.55
C SER B 178 -2.13 17.87 -5.62
N GLY B 179 -2.11 16.61 -6.06
CA GLY B 179 -1.29 16.19 -7.19
C GLY B 179 0.21 16.09 -6.92
N LEU B 180 0.60 16.34 -5.67
CA LEU B 180 2.01 16.24 -5.25
C LEU B 180 2.12 15.36 -4.00
N TYR B 181 3.33 14.90 -3.70
CA TYR B 181 3.51 14.02 -2.55
C TYR B 181 3.87 14.80 -1.29
N THR B 182 3.41 14.30 -0.15
CA THR B 182 3.78 14.81 1.17
C THR B 182 4.14 13.64 2.07
N MET B 183 5.26 13.75 2.77
CA MET B 183 5.59 12.76 3.76
C MET B 183 6.12 13.46 5.00
N SER B 184 6.33 12.69 6.07
CA SER B 184 6.94 13.22 7.27
C SER B 184 7.81 12.13 7.90
N SER B 185 8.69 12.56 8.81
CA SER B 185 9.61 11.69 9.54
C SER B 185 9.72 12.24 10.96
N SER B 186 9.68 11.35 11.96
CA SER B 186 9.83 11.75 13.34
C SER B 186 11.08 11.08 13.92
N VAL B 187 11.66 11.71 14.94
CA VAL B 187 12.77 11.14 15.70
C VAL B 187 12.57 11.48 17.18
N THR B 188 12.89 10.55 18.06
CA THR B 188 12.76 10.75 19.49
C THR B 188 14.11 10.62 20.17
N VAL B 189 14.53 11.70 20.82
CA VAL B 189 15.80 11.77 21.52
C VAL B 189 15.53 12.04 23.01
N PRO B 190 16.42 11.57 23.91
CA PRO B 190 16.34 12.01 25.30
C PRO B 190 16.36 13.55 25.38
N SER B 191 15.57 14.10 26.31
CA SER B 191 15.44 15.55 26.47
C SER B 191 16.76 16.21 26.86
N SER B 192 17.66 15.40 27.43
CA SER B 192 19.02 15.84 27.79
C SER B 192 19.91 16.11 26.57
N THR B 193 19.52 15.59 25.40
CA THR B 193 20.36 15.67 24.20
C THR B 193 19.99 16.80 23.23
N TRP B 194 18.72 17.20 23.21
CA TRP B 194 18.26 18.35 22.43
C TRP B 194 17.60 19.40 23.35
N PRO B 195 17.85 20.71 23.11
CA PRO B 195 18.63 21.35 22.03
C PRO B 195 20.13 21.56 22.30
N SER B 196 20.70 20.80 23.23
CA SER B 196 22.12 20.90 23.57
C SER B 196 23.03 20.39 22.45
N GLN B 197 22.67 19.23 21.89
CA GLN B 197 23.29 18.70 20.68
C GLN B 197 22.41 19.05 19.48
N THR B 198 23.05 19.42 18.38
CA THR B 198 22.35 19.72 17.13
C THR B 198 21.62 18.47 16.64
N VAL B 199 20.36 18.65 16.24
CA VAL B 199 19.60 17.63 15.53
C VAL B 199 19.14 18.22 14.19
N THR B 200 19.43 17.48 13.12
CA THR B 200 19.22 17.93 11.75
C THR B 200 18.54 16.84 10.94
N CYS B 201 17.52 17.21 10.17
CA CYS B 201 16.98 16.32 9.16
C CYS B 201 17.54 16.70 7.79
N SER B 202 18.05 15.72 7.07
CA SER B 202 18.60 16.00 5.75
C SER B 202 17.76 15.30 4.69
N VAL B 203 17.09 16.11 3.88
CA VAL B 203 16.08 15.60 2.95
C VAL B 203 16.63 15.67 1.53
N ALA B 204 16.76 14.51 0.90
CA ALA B 204 17.22 14.42 -0.47
C ALA B 204 16.08 14.06 -1.41
N HIS B 205 15.95 14.83 -2.47
CA HIS B 205 15.02 14.56 -3.55
C HIS B 205 15.87 14.52 -4.81
N PRO B 206 16.42 13.33 -5.12
CA PRO B 206 17.35 13.14 -6.25
C PRO B 206 16.86 13.70 -7.59
N ALA B 207 15.57 13.55 -7.88
CA ALA B 207 15.02 13.98 -9.18
C ALA B 207 15.14 15.48 -9.40
N SER B 208 15.00 16.25 -8.34
CA SER B 208 15.08 17.69 -8.45
C SER B 208 16.48 18.22 -8.09
N SER B 209 17.41 17.33 -7.75
CA SER B 209 18.81 17.68 -7.43
C SER B 209 18.93 18.47 -6.14
N THR B 210 18.19 18.07 -5.11
CA THR B 210 18.13 18.85 -3.88
C THR B 210 18.52 18.03 -2.66
N THR B 211 19.28 18.65 -1.78
CA THR B 211 19.43 18.16 -0.43
C THR B 211 19.20 19.35 0.49
N VAL B 212 18.21 19.24 1.39
CA VAL B 212 17.98 20.23 2.44
C VAL B 212 18.44 19.68 3.79
N ASP B 213 19.33 20.41 4.47
CA ASP B 213 19.76 20.05 5.81
C ASP B 213 19.12 21.03 6.80
N LYS B 214 18.07 20.57 7.47
CA LYS B 214 17.29 21.44 8.33
C LYS B 214 17.58 21.25 9.82
N LYS B 215 18.27 22.20 10.40
CA LYS B 215 18.56 22.17 11.83
C LYS B 215 17.26 22.42 12.59
N LEU B 216 16.98 21.55 13.57
CA LEU B 216 15.82 21.76 14.41
C LEU B 216 16.17 22.59 15.63
N GLU B 217 15.46 23.69 15.78
CA GLU B 217 15.67 24.57 16.93
C GLU B 217 14.36 24.78 17.68
N PRO B 218 14.44 25.05 19.00
CA PRO B 218 13.22 25.45 19.71
C PRO B 218 12.77 26.80 19.18
N LEU C 1 6.78 -25.16 -17.05
CA LEU C 1 5.69 -25.27 -18.07
C LEU C 1 5.62 -24.03 -18.95
N PRO C 2 4.62 -23.15 -18.73
CA PRO C 2 3.54 -23.27 -17.74
C PRO C 2 2.45 -24.34 -17.98
N GLY C 3 2.42 -24.93 -19.17
CA GLY C 3 1.38 -25.91 -19.55
C GLY C 3 0.10 -25.27 -20.06
N GLU C 4 -0.85 -26.12 -20.43
CA GLU C 4 -2.17 -25.70 -20.92
C GLU C 4 -2.98 -24.97 -19.84
N GLU C 5 -3.62 -23.87 -20.22
CA GLU C 5 -4.53 -23.15 -19.32
C GLU C 5 -5.59 -24.08 -18.69
N ASP C 6 -5.55 -24.19 -17.36
CA ASP C 6 -6.44 -25.11 -16.68
C ASP C 6 -7.77 -24.43 -16.36
N LEU C 7 -8.47 -24.06 -17.43
CA LEU C 7 -9.80 -23.48 -17.35
C LEU C 7 -10.59 -23.99 -18.55
N PRO C 8 -11.92 -24.10 -18.39
CA PRO C 8 -12.76 -24.68 -19.43
C PRO C 8 -12.77 -23.91 -20.75
N GLY C 9 -13.07 -24.62 -21.84
CA GLY C 9 -13.34 -24.01 -23.15
C GLY C 9 -14.41 -22.92 -23.08
#